data_5GXT
#
_entry.id   5GXT
#
_cell.length_a   95.700
_cell.length_b   60.000
_cell.length_c   81.400
_cell.angle_alpha   90.00
_cell.angle_beta   99.30
_cell.angle_gamma   90.00
#
_symmetry.space_group_name_H-M   'C 1 2 1'
#
loop_
_entity.id
_entity.type
_entity.pdbx_description
1 polymer 'Maltose-binding periplasmic protein,PigG'
2 non-polymer 'MAGNESIUM ION'
3 water water
#
_entity_poly.entity_id   1
_entity_poly.type   'polypeptide(L)'
_entity_poly.pdbx_seq_one_letter_code
;MGKIEEGKLVIWINGDKGYNGLAEVGKKFEKDTGIKVTVEHPDKLEEKFPQVAATGDGPDIIFWAHDRFGGYAQSGLLAE
ITPDKAFQDKLYPFTWDAVRYNGKLIAYPIAVEALSLIYNKDLLPNPPKTWEEIPALDKELKAKGKSALMFNLQEPYFTW
PLIAADGGYAFKYENGKYDIKDVGVDNAGAKAGLTFLVDLIKNKHMNADTDYSIAEAAFNKGETAMTINGPWAWSNIDTS
KVNYGVTVLPTFKGQPSKPFVGVLSAGINAASPNKELAKEFLENYLLTDEGLEAVNKDKPLGAVALKSYEEELAKDPRIA
ATMENAQKGEIMPNIPQMSAFWYAVRTAVINAASGRQTVDEALKDAQTNAAAHMLESKLIQHIATQYLDGDHDGLNAQTP
LFELNVVDSASIFDLVDFLRQESHVAIGMHEIHPANFASVQAMVALVQRLQAQVAAGGVALEHHHHHH
;
_entity_poly.pdbx_strand_id   A
#
loop_
_chem_comp.id
_chem_comp.type
_chem_comp.name
_chem_comp.formula
MG non-polymer 'MAGNESIUM ION' 'Mg 2'
#
# COMPACT_ATOMS: atom_id res chain seq x y z
N GLY A 2 7.81 -33.82 -10.44
CA GLY A 2 6.65 -32.93 -10.53
C GLY A 2 6.79 -31.93 -11.65
N LYS A 3 5.88 -30.96 -11.72
CA LYS A 3 5.93 -29.96 -12.77
C LYS A 3 7.09 -28.98 -12.60
N ILE A 4 7.65 -28.89 -11.39
CA ILE A 4 8.79 -28.03 -11.13
C ILE A 4 10.01 -28.93 -10.99
N GLU A 5 11.12 -28.50 -11.59
CA GLU A 5 12.35 -29.30 -11.62
C GLU A 5 13.04 -29.30 -10.26
N GLU A 6 13.41 -30.50 -9.80
CA GLU A 6 14.08 -30.67 -8.51
C GLU A 6 15.58 -30.48 -8.66
N GLY A 7 16.22 -30.04 -7.58
CA GLY A 7 17.64 -29.77 -7.61
C GLY A 7 18.03 -28.52 -8.37
N LYS A 8 17.23 -27.46 -8.27
CA LYS A 8 17.50 -26.23 -8.98
C LYS A 8 16.69 -25.11 -8.35
N LEU A 9 17.09 -23.88 -8.62
CA LEU A 9 16.29 -22.72 -8.26
C LEU A 9 16.00 -21.93 -9.52
N VAL A 10 14.71 -21.64 -9.73
CA VAL A 10 14.26 -20.64 -10.70
C VAL A 10 13.64 -19.50 -9.92
N ILE A 11 14.03 -18.27 -10.25
CA ILE A 11 13.60 -17.08 -9.53
C ILE A 11 12.94 -16.12 -10.51
N TRP A 12 11.77 -15.60 -10.16
CA TRP A 12 11.15 -14.50 -10.89
C TRP A 12 11.26 -13.22 -10.08
N ILE A 13 11.76 -12.18 -10.73
CA ILE A 13 11.87 -10.84 -10.18
C ILE A 13 11.55 -9.89 -11.34
N ASN A 14 11.09 -8.68 -11.02
CA ASN A 14 10.71 -7.75 -12.07
C ASN A 14 11.92 -7.12 -12.75
N GLY A 15 11.70 -6.57 -13.95
CA GLY A 15 12.80 -6.06 -14.76
C GLY A 15 13.48 -4.83 -14.18
N ASP A 16 12.75 -4.02 -13.43
CA ASP A 16 13.32 -2.80 -12.88
C ASP A 16 14.24 -3.06 -11.69
N LYS A 17 14.41 -4.32 -11.29
CA LYS A 17 15.20 -4.70 -10.12
C LYS A 17 16.58 -5.16 -10.53
N GLY A 18 17.46 -5.31 -9.55
CA GLY A 18 18.79 -5.75 -9.88
C GLY A 18 18.87 -7.24 -10.13
N TYR A 19 18.44 -7.70 -11.30
CA TYR A 19 18.51 -9.15 -11.53
C TYR A 19 19.91 -9.62 -11.91
N ASN A 20 20.68 -8.79 -12.60
CA ASN A 20 22.08 -9.13 -12.83
C ASN A 20 22.82 -9.30 -11.51
N GLY A 21 22.56 -8.41 -10.55
CA GLY A 21 23.07 -8.64 -9.21
C GLY A 21 22.59 -9.95 -8.62
N LEU A 22 21.30 -10.22 -8.73
CA LEU A 22 20.73 -11.44 -8.18
C LEU A 22 21.33 -12.68 -8.85
N ALA A 23 21.49 -12.63 -10.18
CA ALA A 23 22.18 -13.72 -10.87
C ALA A 23 23.57 -13.94 -10.29
N GLU A 24 24.33 -12.88 -10.06
CA GLU A 24 25.65 -13.05 -9.50
C GLU A 24 25.59 -13.78 -8.15
N VAL A 25 24.56 -13.50 -7.33
CA VAL A 25 24.38 -14.27 -6.11
C VAL A 25 24.07 -15.72 -6.43
N GLY A 26 23.21 -15.97 -7.43
CA GLY A 26 22.97 -17.34 -7.87
C GLY A 26 24.25 -18.06 -8.25
N LYS A 27 25.18 -17.34 -8.89
CA LYS A 27 26.45 -17.97 -9.26
C LYS A 27 27.32 -18.27 -8.04
N LYS A 28 27.26 -17.42 -7.00
CA LYS A 28 27.93 -17.78 -5.75
C LYS A 28 27.31 -19.04 -5.14
N PHE A 29 25.97 -19.13 -5.12
CA PHE A 29 25.30 -20.33 -4.60
C PHE A 29 25.67 -21.57 -5.40
N GLU A 30 25.69 -21.46 -6.73
CA GLU A 30 26.14 -22.56 -7.57
C GLU A 30 27.57 -22.98 -7.25
N LYS A 31 28.48 -22.03 -7.03
CA LYS A 31 29.87 -22.38 -6.74
C LYS A 31 30.00 -23.27 -5.52
N ASP A 32 29.17 -23.07 -4.50
CA ASP A 32 29.31 -23.82 -3.27
C ASP A 32 28.48 -25.09 -3.21
N THR A 33 27.37 -25.15 -3.94
CA THR A 33 26.50 -26.32 -3.87
C THR A 33 26.41 -27.09 -5.18
N GLY A 34 26.83 -26.52 -6.30
CA GLY A 34 26.59 -27.13 -7.58
C GLY A 34 25.19 -26.98 -8.09
N ILE A 35 24.32 -26.25 -7.38
CA ILE A 35 22.93 -26.06 -7.79
C ILE A 35 22.84 -24.78 -8.61
N LYS A 36 22.31 -24.89 -9.83
CA LYS A 36 22.21 -23.75 -10.72
C LYS A 36 21.02 -22.87 -10.34
N VAL A 37 21.14 -21.56 -10.59
CA VAL A 37 20.15 -20.57 -10.18
C VAL A 37 19.84 -19.68 -11.38
N THR A 38 18.59 -19.73 -11.83
CA THR A 38 18.13 -18.97 -12.98
C THR A 38 17.24 -17.82 -12.49
N VAL A 39 17.49 -16.60 -13.00
CA VAL A 39 16.81 -15.38 -12.56
C VAL A 39 16.11 -14.80 -13.78
N GLU A 40 14.78 -14.71 -13.73
CA GLU A 40 14.01 -14.28 -14.89
C GLU A 40 13.13 -13.10 -14.53
N HIS A 41 12.78 -12.32 -15.54
CA HIS A 41 11.96 -11.11 -15.39
C HIS A 41 10.89 -11.09 -16.47
N PRO A 42 9.88 -11.95 -16.37
CA PRO A 42 8.85 -12.00 -17.40
C PRO A 42 7.79 -10.93 -17.24
N ASP A 43 7.16 -10.63 -18.37
CA ASP A 43 6.12 -9.60 -18.40
C ASP A 43 4.97 -9.99 -17.49
N LYS A 44 4.53 -9.03 -16.68
CA LYS A 44 3.34 -9.19 -15.85
C LYS A 44 3.45 -10.42 -14.94
N LEU A 45 4.68 -10.71 -14.50
CA LEU A 45 4.92 -11.93 -13.74
C LEU A 45 4.01 -12.04 -12.52
N GLU A 46 3.56 -10.89 -11.99
CA GLU A 46 2.67 -10.89 -10.84
C GLU A 46 1.25 -11.36 -11.18
N GLU A 47 0.90 -11.42 -12.46
CA GLU A 47 -0.34 -12.05 -12.89
C GLU A 47 -0.11 -13.47 -13.34
N LYS A 48 1.00 -13.74 -14.03
CA LYS A 48 1.34 -15.10 -14.38
C LYS A 48 1.44 -15.98 -13.15
N PHE A 49 2.06 -15.47 -12.08
CA PHE A 49 2.42 -16.35 -10.97
C PHE A 49 1.22 -17.07 -10.37
N PRO A 50 0.15 -16.39 -9.93
CA PRO A 50 -1.00 -17.15 -9.44
C PRO A 50 -1.52 -18.15 -10.48
N GLN A 51 -1.43 -17.81 -11.76
CA GLN A 51 -2.01 -18.68 -12.79
C GLN A 51 -1.17 -19.94 -12.98
N VAL A 52 0.16 -19.81 -12.93
CA VAL A 52 1.01 -20.98 -13.09
C VAL A 52 1.17 -21.73 -11.77
N ALA A 53 1.09 -21.02 -10.63
CA ALA A 53 1.23 -21.69 -9.34
C ALA A 53 -0.02 -22.46 -8.96
N ALA A 54 -1.20 -21.97 -9.36
CA ALA A 54 -2.42 -22.72 -9.10
C ALA A 54 -2.34 -24.12 -9.72
N THR A 55 -1.62 -24.25 -10.84
CA THR A 55 -1.46 -25.53 -11.53
C THR A 55 -0.30 -26.36 -11.02
N GLY A 56 0.41 -25.92 -9.99
CA GLY A 56 1.56 -26.66 -9.51
C GLY A 56 2.82 -26.37 -10.28
N ASP A 57 2.89 -25.21 -10.91
CA ASP A 57 4.06 -24.84 -11.70
C ASP A 57 4.59 -23.47 -11.28
N GLY A 58 5.50 -22.93 -12.09
CA GLY A 58 6.06 -21.61 -11.88
C GLY A 58 7.44 -21.62 -11.24
N PRO A 59 7.90 -20.44 -10.81
CA PRO A 59 9.25 -20.34 -10.23
C PRO A 59 9.32 -20.98 -8.85
N ASP A 60 10.54 -21.31 -8.43
CA ASP A 60 10.72 -21.69 -7.03
C ASP A 60 10.55 -20.47 -6.11
N ILE A 61 11.00 -19.29 -6.55
CA ILE A 61 11.02 -18.09 -5.72
C ILE A 61 10.52 -16.93 -6.58
N ILE A 62 9.66 -16.09 -5.98
CA ILE A 62 9.14 -14.92 -6.66
C ILE A 62 9.33 -13.71 -5.76
N PHE A 63 9.74 -12.58 -6.35
CA PHE A 63 9.93 -11.31 -5.67
C PHE A 63 8.82 -10.35 -6.09
N TRP A 64 8.19 -9.70 -5.12
CA TRP A 64 7.23 -8.62 -5.34
C TRP A 64 7.02 -7.88 -4.02
N ALA A 65 6.47 -6.67 -4.12
CA ALA A 65 6.04 -5.94 -2.93
C ALA A 65 4.97 -6.74 -2.15
N HIS A 66 5.04 -6.62 -0.81
CA HIS A 66 4.33 -7.57 0.06
C HIS A 66 2.81 -7.56 -0.15
N ASP A 67 2.24 -6.39 -0.44
CA ASP A 67 0.78 -6.33 -0.47
C ASP A 67 0.19 -7.33 -1.46
N ARG A 68 0.88 -7.59 -2.59
CA ARG A 68 0.41 -8.62 -3.52
C ARG A 68 0.42 -10.02 -2.90
N PHE A 69 1.25 -10.28 -1.89
CA PHE A 69 1.40 -11.63 -1.35
C PHE A 69 0.24 -12.07 -0.46
N GLY A 70 -0.65 -11.14 -0.10
CA GLY A 70 -1.82 -11.54 0.64
C GLY A 70 -2.76 -12.39 -0.19
N GLY A 71 -3.07 -11.96 -1.41
CA GLY A 71 -3.89 -12.77 -2.31
C GLY A 71 -3.24 -14.08 -2.70
N TYR A 72 -1.90 -14.10 -2.81
CA TYR A 72 -1.24 -15.37 -3.07
C TYR A 72 -1.37 -16.30 -1.87
N ALA A 73 -1.23 -15.75 -0.66
CA ALA A 73 -1.40 -16.55 0.56
C ALA A 73 -2.84 -17.02 0.70
N GLN A 74 -3.79 -16.10 0.49
CA GLN A 74 -5.20 -16.48 0.55
C GLN A 74 -5.48 -17.67 -0.36
N SER A 75 -4.87 -17.69 -1.55
CA SER A 75 -5.01 -18.82 -2.46
C SER A 75 -4.13 -20.00 -2.07
N GLY A 76 -3.26 -19.85 -1.07
CA GLY A 76 -2.40 -20.93 -0.65
C GLY A 76 -1.23 -21.20 -1.56
N LEU A 77 -0.76 -20.20 -2.29
CA LEU A 77 0.25 -20.43 -3.31
C LEU A 77 1.69 -20.28 -2.79
N LEU A 78 1.88 -19.91 -1.52
CA LEU A 78 3.17 -19.55 -0.96
C LEU A 78 3.46 -20.38 0.27
N ALA A 79 4.62 -21.06 0.29
CA ALA A 79 4.94 -21.93 1.41
C ALA A 79 5.12 -21.12 2.69
N GLU A 80 4.74 -21.71 3.80
CA GLU A 80 5.05 -21.10 5.09
C GLU A 80 6.54 -21.21 5.35
N ILE A 81 7.23 -20.08 5.42
CA ILE A 81 8.67 -20.12 5.61
C ILE A 81 8.99 -20.39 7.07
N THR A 82 10.19 -20.94 7.33
CA THR A 82 10.55 -21.39 8.68
C THR A 82 11.89 -20.86 9.19
N PRO A 83 12.12 -19.54 9.11
CA PRO A 83 13.34 -18.99 9.73
C PRO A 83 13.36 -19.26 11.23
N ASP A 84 14.56 -19.54 11.75
CA ASP A 84 14.66 -19.69 13.20
C ASP A 84 14.70 -18.32 13.84
N LYS A 85 14.49 -18.31 15.16
CA LYS A 85 14.35 -17.05 15.87
C LYS A 85 15.59 -16.19 15.69
N ALA A 86 16.78 -16.82 15.68
CA ALA A 86 18.01 -16.04 15.58
C ALA A 86 18.18 -15.49 14.17
N PHE A 87 17.62 -16.14 13.15
CA PHE A 87 17.69 -15.51 11.84
C PHE A 87 16.70 -14.36 11.73
N GLN A 88 15.49 -14.53 12.29
CA GLN A 88 14.51 -13.45 12.27
C GLN A 88 15.04 -12.21 12.96
N ASP A 89 15.69 -12.38 14.11
CA ASP A 89 16.35 -11.30 14.86
C ASP A 89 17.32 -10.48 14.02
N LYS A 90 17.71 -10.99 12.85
CA LYS A 90 18.64 -10.25 12.01
C LYS A 90 17.95 -9.21 11.13
N LEU A 91 16.63 -9.23 11.07
CA LEU A 91 15.89 -8.25 10.30
C LEU A 91 15.09 -7.37 11.27
N TYR A 92 14.90 -6.11 10.87
CA TYR A 92 14.07 -5.23 11.67
C TYR A 92 12.73 -5.88 11.95
N PRO A 93 12.32 -6.01 13.22
CA PRO A 93 11.12 -6.80 13.53
C PRO A 93 9.88 -6.42 12.72
N PHE A 94 9.69 -5.14 12.42
CA PHE A 94 8.46 -4.71 11.76
C PHE A 94 8.35 -5.17 10.32
N THR A 95 9.47 -5.53 9.70
CA THR A 95 9.38 -6.07 8.34
C THR A 95 8.76 -7.46 8.33
N TRP A 96 8.81 -8.16 9.46
CA TRP A 96 8.17 -9.45 9.56
C TRP A 96 6.65 -9.35 9.64
N ASP A 97 6.12 -8.22 10.11
CA ASP A 97 4.67 -8.04 10.13
C ASP A 97 4.10 -8.02 8.73
N ALA A 98 4.87 -7.54 7.75
CA ALA A 98 4.39 -7.40 6.40
C ALA A 98 4.28 -8.73 5.63
N VAL A 99 4.93 -9.80 6.10
CA VAL A 99 4.97 -11.06 5.36
C VAL A 99 4.28 -12.14 6.19
N ARG A 100 3.40 -11.73 7.08
CA ARG A 100 2.59 -12.65 7.86
C ARG A 100 1.20 -12.72 7.24
N TYR A 101 0.61 -13.91 7.23
CA TYR A 101 -0.76 -14.04 6.74
C TYR A 101 -1.44 -15.16 7.48
N ASN A 102 -2.57 -14.86 8.10
CA ASN A 102 -3.28 -15.81 8.97
C ASN A 102 -2.32 -16.51 9.93
N GLY A 103 -1.37 -15.76 10.49
CA GLY A 103 -0.47 -16.29 11.48
C GLY A 103 0.69 -17.11 10.97
N LYS A 104 0.87 -17.21 9.65
CA LYS A 104 2.03 -17.89 9.10
C LYS A 104 2.91 -16.90 8.36
N LEU A 105 4.22 -17.12 8.44
CA LEU A 105 5.17 -16.37 7.65
C LEU A 105 5.18 -16.92 6.24
N ILE A 106 5.00 -16.04 5.25
CA ILE A 106 4.82 -16.51 3.88
C ILE A 106 5.77 -15.85 2.89
N ALA A 107 6.78 -15.14 3.40
CA ALA A 107 7.81 -14.55 2.57
C ALA A 107 8.89 -13.96 3.45
N TYR A 108 10.09 -13.77 2.86
CA TYR A 108 11.20 -13.10 3.55
C TYR A 108 11.22 -11.61 3.20
N PRO A 109 11.33 -10.72 4.17
CA PRO A 109 11.50 -9.30 3.82
C PRO A 109 12.89 -9.03 3.24
N ILE A 110 12.90 -8.20 2.19
CA ILE A 110 14.11 -7.86 1.46
C ILE A 110 14.45 -6.38 1.62
N ALA A 111 13.52 -5.50 1.25
CA ALA A 111 13.77 -4.06 1.25
C ALA A 111 12.45 -3.35 1.54
N VAL A 112 12.55 -2.07 1.89
CA VAL A 112 11.44 -1.35 2.52
C VAL A 112 11.37 0.06 1.93
N GLU A 113 10.15 0.58 1.76
CA GLU A 113 9.92 1.82 1.02
C GLU A 113 8.87 2.69 1.72
N ALA A 114 9.17 3.99 1.92
CA ALA A 114 8.21 4.91 2.56
C ALA A 114 8.54 6.35 2.18
N LEU A 115 7.53 7.21 2.35
CA LEU A 115 7.69 8.65 2.17
C LEU A 115 8.61 9.25 3.23
N SER A 116 9.27 10.35 2.85
CA SER A 116 10.08 11.13 3.77
C SER A 116 9.86 12.60 3.45
N LEU A 117 10.32 13.46 4.35
CA LEU A 117 10.37 14.89 4.05
C LEU A 117 11.62 15.17 3.20
N ILE A 118 11.44 15.96 2.15
CA ILE A 118 12.51 16.31 1.22
C ILE A 118 12.61 17.82 1.22
N TYR A 119 13.80 18.35 1.46
CA TYR A 119 13.91 19.78 1.74
C TYR A 119 15.08 20.40 0.97
N ASN A 120 14.99 21.72 0.83
CA ASN A 120 15.96 22.53 0.11
C ASN A 120 16.99 23.04 1.12
N LYS A 121 18.19 22.43 1.12
CA LYS A 121 19.22 22.86 2.07
C LYS A 121 19.47 24.35 1.97
N ASP A 122 19.57 24.87 0.75
CA ASP A 122 19.69 26.30 0.50
C ASP A 122 18.59 27.09 1.22
N LEU A 123 17.34 26.96 0.77
CA LEU A 123 16.28 27.79 1.33
C LEU A 123 15.96 27.50 2.80
N LEU A 124 16.28 26.30 3.28
CA LEU A 124 15.87 25.89 4.63
C LEU A 124 16.89 24.90 5.16
N PRO A 125 17.99 25.39 5.74
CA PRO A 125 19.11 24.49 6.08
C PRO A 125 18.84 23.62 7.29
N ASN A 126 17.95 24.05 8.18
CA ASN A 126 17.48 23.24 9.32
C ASN A 126 15.98 23.02 9.15
N PRO A 127 15.54 21.88 8.65
CA PRO A 127 14.11 21.68 8.41
C PRO A 127 13.31 21.61 9.71
N PRO A 128 12.00 21.83 9.64
CA PRO A 128 11.16 21.74 10.84
C PRO A 128 10.91 20.30 11.27
N LYS A 129 10.86 20.10 12.59
CA LYS A 129 10.55 18.80 13.18
C LYS A 129 9.06 18.59 13.48
N THR A 130 8.24 19.64 13.47
CA THR A 130 6.83 19.50 13.80
C THR A 130 5.97 20.11 12.70
N TRP A 131 4.76 19.57 12.55
CA TRP A 131 3.80 20.21 11.64
C TRP A 131 3.45 21.59 12.14
N GLU A 132 3.35 21.76 13.46
CA GLU A 132 2.85 22.99 14.07
C GLU A 132 3.68 24.23 13.73
N GLU A 133 4.91 24.07 13.25
CA GLU A 133 5.74 25.24 13.02
C GLU A 133 5.76 25.67 11.56
N ILE A 134 5.12 24.91 10.68
CA ILE A 134 5.14 25.21 9.26
C ILE A 134 4.35 26.49 8.94
N PRO A 135 3.16 26.74 9.53
CA PRO A 135 2.47 28.01 9.24
C PRO A 135 3.34 29.24 9.42
N ALA A 136 4.06 29.32 10.53
CA ALA A 136 5.08 30.35 10.73
C ALA A 136 6.14 30.34 9.62
N LEU A 137 6.91 29.27 9.53
CA LEU A 137 7.94 29.16 8.50
C LEU A 137 7.38 29.46 7.11
N ASP A 138 6.07 29.31 6.90
CA ASP A 138 5.49 29.71 5.62
C ASP A 138 5.46 31.23 5.43
N LYS A 139 5.03 31.97 6.47
CA LYS A 139 5.03 33.44 6.40
C LYS A 139 6.41 33.99 6.13
N GLU A 140 7.32 33.76 7.06
CA GLU A 140 8.67 34.28 6.97
C GLU A 140 9.35 33.85 5.69
N LEU A 141 8.87 32.77 5.06
CA LEU A 141 9.32 32.34 3.74
C LEU A 141 8.49 32.96 2.63
N LYS A 142 7.18 33.08 2.80
CA LYS A 142 6.38 33.77 1.80
C LYS A 142 6.88 35.18 1.60
N ALA A 143 7.28 35.84 2.69
CA ALA A 143 7.77 37.22 2.66
C ALA A 143 8.98 37.41 1.76
N LYS A 144 9.50 36.32 1.18
CA LYS A 144 10.57 36.41 0.21
C LYS A 144 10.26 35.57 -1.00
N GLY A 145 8.98 35.55 -1.41
CA GLY A 145 8.58 35.00 -2.69
C GLY A 145 8.66 33.50 -2.82
N LYS A 146 8.88 32.75 -1.74
CA LYS A 146 8.90 31.30 -1.79
C LYS A 146 7.95 30.75 -0.74
N SER A 147 7.49 29.51 -0.94
CA SER A 147 6.59 28.85 -0.01
C SER A 147 7.35 27.80 0.81
N ALA A 148 6.71 27.35 1.88
CA ALA A 148 7.34 26.38 2.79
C ALA A 148 7.12 24.94 2.34
N LEU A 149 5.88 24.53 2.09
CA LEU A 149 5.56 23.13 1.85
C LEU A 149 4.60 22.98 0.69
N MET A 150 4.91 22.07 -0.23
CA MET A 150 4.04 21.74 -1.34
C MET A 150 4.20 20.25 -1.65
N PHE A 151 3.10 19.50 -1.53
CA PHE A 151 3.09 18.08 -1.86
C PHE A 151 1.71 17.72 -2.35
N ASN A 152 1.63 16.54 -2.98
CA ASN A 152 0.44 16.04 -3.63
C ASN A 152 -0.73 15.81 -2.67
N LEU A 153 -1.76 16.67 -2.73
CA LEU A 153 -2.94 16.57 -1.89
C LEU A 153 -4.12 15.86 -2.59
N GLN A 154 -3.91 15.33 -3.80
CA GLN A 154 -5.00 14.62 -4.47
C GLN A 154 -5.07 13.15 -4.07
N GLU A 155 -3.95 12.55 -3.70
CA GLU A 155 -3.93 11.12 -3.44
C GLU A 155 -3.77 10.86 -1.95
N PRO A 156 -4.64 10.05 -1.35
CA PRO A 156 -4.55 9.81 0.10
C PRO A 156 -3.25 9.16 0.56
N TYR A 157 -2.52 8.53 -0.36
CA TYR A 157 -1.19 8.02 0.00
C TYR A 157 -0.31 9.12 0.60
N PHE A 158 -0.36 10.33 0.03
CA PHE A 158 0.54 11.40 0.43
C PHE A 158 0.05 12.20 1.63
N THR A 159 -1.28 12.25 1.84
CA THR A 159 -1.87 12.99 2.95
C THR A 159 -2.13 12.13 4.18
N TRP A 160 -2.23 10.81 4.03
CA TRP A 160 -2.47 9.93 5.18
C TRP A 160 -1.41 9.99 6.29
N PRO A 161 -0.12 10.22 6.03
CA PRO A 161 0.85 10.29 7.15
C PRO A 161 0.49 11.27 8.25
N LEU A 162 0.02 12.45 7.89
CA LEU A 162 -0.45 13.40 8.90
C LEU A 162 -1.75 12.92 9.53
N ILE A 163 -2.68 12.44 8.71
CA ILE A 163 -3.98 12.01 9.20
C ILE A 163 -3.84 10.85 10.19
N ALA A 164 -2.95 9.91 9.92
CA ALA A 164 -2.79 8.77 10.82
C ALA A 164 -1.98 9.10 12.07
N ALA A 165 -1.20 10.19 12.05
CA ALA A 165 -0.21 10.48 13.08
C ALA A 165 -0.78 10.37 14.48
N ASP A 166 -1.93 10.99 14.72
CA ASP A 166 -2.53 11.01 16.06
C ASP A 166 -3.51 9.87 16.31
N GLY A 167 -3.67 8.94 15.36
CA GLY A 167 -4.49 7.78 15.67
C GLY A 167 -5.41 7.22 14.60
N GLY A 168 -5.35 7.72 13.41
CA GLY A 168 -6.12 7.13 12.35
C GLY A 168 -5.46 5.84 11.91
N TYR A 169 -6.22 4.94 11.32
CA TYR A 169 -5.69 3.67 10.80
C TYR A 169 -6.61 3.15 9.70
N ALA A 170 -6.09 2.32 8.81
CA ALA A 170 -6.92 1.80 7.75
C ALA A 170 -7.74 0.63 8.24
N PHE A 171 -7.10 -0.46 8.58
CA PHE A 171 -7.79 -1.61 9.11
C PHE A 171 -7.04 -2.04 10.33
N LYS A 172 -7.75 -2.29 11.40
CA LYS A 172 -7.15 -2.74 12.64
C LYS A 172 -6.78 -4.22 12.53
N TYR A 173 -5.58 -4.56 12.97
CA TYR A 173 -5.18 -5.96 13.13
C TYR A 173 -4.48 -6.12 14.45
N GLU A 174 -4.98 -7.04 15.27
CA GLU A 174 -4.33 -7.43 16.51
C GLU A 174 -3.91 -8.89 16.52
N ASN A 175 -4.62 -9.73 15.76
CA ASN A 175 -4.41 -11.17 15.68
C ASN A 175 -3.60 -11.57 14.44
N GLY A 176 -2.69 -10.69 14.00
CA GLY A 176 -2.10 -10.86 12.68
C GLY A 176 -3.16 -10.96 11.59
N LYS A 177 -4.36 -10.45 11.86
CA LYS A 177 -5.52 -10.58 10.99
C LYS A 177 -6.21 -9.23 10.90
N TYR A 178 -6.30 -8.67 9.70
CA TYR A 178 -6.96 -7.38 9.51
C TYR A 178 -8.49 -7.53 9.65
N ASP A 179 -9.09 -6.73 10.54
CA ASP A 179 -10.53 -6.74 10.75
C ASP A 179 -11.19 -5.72 9.81
N ILE A 180 -11.90 -6.20 8.79
CA ILE A 180 -12.38 -5.34 7.73
C ILE A 180 -13.68 -4.62 8.04
N LYS A 181 -14.20 -4.73 9.27
CA LYS A 181 -15.30 -3.86 9.65
C LYS A 181 -14.87 -2.76 10.62
N ASP A 182 -13.79 -2.98 11.37
CA ASP A 182 -13.13 -1.91 12.11
C ASP A 182 -12.20 -1.16 11.17
N VAL A 183 -12.64 0.00 10.71
CA VAL A 183 -11.90 0.87 9.81
C VAL A 183 -11.70 2.19 10.53
N GLY A 184 -10.45 2.58 10.76
CA GLY A 184 -10.16 3.69 11.65
C GLY A 184 -10.06 5.07 11.03
N VAL A 185 -11.05 5.47 10.24
CA VAL A 185 -10.97 6.72 9.52
C VAL A 185 -11.74 7.87 10.20
N ASP A 186 -12.72 7.56 11.05
CA ASP A 186 -13.37 8.65 11.79
C ASP A 186 -13.17 8.38 13.28
N ASN A 187 -12.03 8.81 13.78
CA ASN A 187 -11.75 8.78 15.20
C ASN A 187 -11.13 10.12 15.54
N ALA A 188 -10.80 10.32 16.83
CA ALA A 188 -10.27 11.60 17.27
C ALA A 188 -8.99 11.95 16.53
N GLY A 189 -8.10 10.98 16.33
CA GLY A 189 -6.81 11.22 15.71
C GLY A 189 -6.94 11.77 14.30
N ALA A 190 -7.57 10.98 13.42
CA ALA A 190 -7.79 11.39 12.03
C ALA A 190 -8.40 12.79 11.93
N LYS A 191 -9.35 13.12 12.82
CA LYS A 191 -9.96 14.45 12.76
C LYS A 191 -8.94 15.54 13.09
N ALA A 192 -8.22 15.37 14.20
CA ALA A 192 -7.13 16.29 14.52
C ALA A 192 -6.22 16.52 13.31
N GLY A 193 -5.76 15.44 12.67
CA GLY A 193 -4.78 15.59 11.59
C GLY A 193 -5.35 16.14 10.29
N LEU A 194 -6.57 15.74 9.92
CA LEU A 194 -7.19 16.30 8.72
C LEU A 194 -7.60 17.76 8.93
N THR A 195 -8.09 18.07 10.13
CA THR A 195 -8.31 19.48 10.47
C THR A 195 -7.04 20.29 10.22
N PHE A 196 -5.89 19.78 10.69
CA PHE A 196 -4.66 20.53 10.51
C PHE A 196 -4.33 20.70 9.04
N LEU A 197 -4.49 19.63 8.25
CA LEU A 197 -4.30 19.75 6.81
C LEU A 197 -5.25 20.79 6.21
N VAL A 198 -6.51 20.78 6.65
CA VAL A 198 -7.51 21.74 6.19
C VAL A 198 -7.17 23.15 6.66
N ASP A 199 -6.74 23.31 7.92
CA ASP A 199 -6.37 24.67 8.34
C ASP A 199 -5.15 25.20 7.59
N LEU A 200 -4.32 24.33 7.00
CA LEU A 200 -3.21 24.84 6.21
C LEU A 200 -3.72 25.48 4.92
N ILE A 201 -4.73 24.87 4.31
CA ILE A 201 -5.26 25.38 3.04
C ILE A 201 -6.12 26.62 3.29
N LYS A 202 -6.92 26.61 4.35
CA LYS A 202 -7.68 27.79 4.74
C LYS A 202 -6.78 28.98 4.96
N ASN A 203 -5.58 28.75 5.50
CA ASN A 203 -4.68 29.83 5.92
C ASN A 203 -3.61 30.16 4.90
N LYS A 204 -3.79 29.74 3.65
CA LYS A 204 -2.95 30.11 2.51
C LYS A 204 -1.56 29.48 2.54
N HIS A 205 -1.32 28.47 3.39
CA HIS A 205 -0.02 27.79 3.37
C HIS A 205 0.06 26.71 2.30
N MET A 206 -1.07 26.12 1.92
CA MET A 206 -1.09 25.21 0.80
C MET A 206 -2.30 25.54 -0.07
N ASN A 207 -2.33 24.88 -1.23
CA ASN A 207 -3.34 25.07 -2.26
C ASN A 207 -4.05 23.73 -2.47
N ALA A 208 -5.38 23.75 -2.52
CA ALA A 208 -6.15 22.50 -2.54
C ALA A 208 -5.93 21.66 -3.80
N ASP A 209 -5.36 22.22 -4.86
CA ASP A 209 -5.24 21.54 -6.15
C ASP A 209 -3.80 21.15 -6.47
N THR A 210 -2.92 21.22 -5.49
CA THR A 210 -1.57 20.69 -5.68
C THR A 210 -1.66 19.19 -5.91
N ASP A 211 -0.98 18.70 -6.94
CA ASP A 211 -0.94 17.27 -7.21
C ASP A 211 0.52 16.83 -7.31
N TYR A 212 0.73 15.61 -7.79
CA TYR A 212 2.08 15.05 -7.82
C TYR A 212 3.01 15.85 -8.72
N SER A 213 2.60 16.09 -9.97
CA SER A 213 3.48 16.79 -10.90
C SER A 213 3.73 18.22 -10.47
N ILE A 214 2.73 18.89 -9.90
CA ILE A 214 2.88 20.29 -9.56
C ILE A 214 3.83 20.47 -8.38
N ALA A 215 3.69 19.62 -7.35
CA ALA A 215 4.62 19.69 -6.23
C ALA A 215 6.03 19.34 -6.67
N GLU A 216 6.17 18.27 -7.44
CA GLU A 216 7.49 17.88 -7.93
C GLU A 216 8.13 18.98 -8.76
N ALA A 217 7.33 19.76 -9.48
CA ALA A 217 7.87 20.83 -10.32
C ALA A 217 8.31 22.02 -9.47
N ALA A 218 7.45 22.45 -8.55
CA ALA A 218 7.76 23.62 -7.72
C ALA A 218 8.99 23.40 -6.86
N PHE A 219 9.25 22.15 -6.42
CA PHE A 219 10.42 21.89 -5.60
C PHE A 219 11.69 21.80 -6.43
N ASN A 220 11.62 21.15 -7.59
CA ASN A 220 12.78 21.11 -8.47
C ASN A 220 13.09 22.48 -9.06
N LYS A 221 12.08 23.34 -9.19
CA LYS A 221 12.31 24.73 -9.60
C LYS A 221 12.76 25.61 -8.45
N GLY A 222 13.01 25.03 -7.27
CA GLY A 222 13.48 25.79 -6.13
C GLY A 222 12.50 26.79 -5.58
N GLU A 223 11.22 26.70 -5.94
CA GLU A 223 10.24 27.67 -5.48
C GLU A 223 9.55 27.27 -4.19
N THR A 224 9.88 26.12 -3.60
CA THR A 224 9.32 25.73 -2.32
C THR A 224 10.38 25.00 -1.50
N ALA A 225 10.27 25.11 -0.17
CA ALA A 225 11.34 24.59 0.68
C ALA A 225 11.28 23.07 0.81
N MET A 226 10.09 22.50 0.96
CA MET A 226 9.92 21.08 1.23
C MET A 226 8.79 20.48 0.41
N THR A 227 8.93 19.19 0.10
CA THR A 227 7.85 18.40 -0.44
C THR A 227 7.85 17.04 0.27
N ILE A 228 6.83 16.22 -0.01
CA ILE A 228 6.73 14.85 0.48
C ILE A 228 6.77 13.91 -0.72
N ASN A 229 7.67 12.93 -0.69
CA ASN A 229 7.78 11.99 -1.81
C ASN A 229 8.69 10.84 -1.41
N GLY A 230 8.85 9.89 -2.35
CA GLY A 230 9.58 8.66 -2.12
C GLY A 230 10.81 8.54 -3.00
N PRO A 231 11.63 7.54 -2.72
CA PRO A 231 12.91 7.40 -3.41
C PRO A 231 12.79 7.37 -4.93
N TRP A 232 11.58 7.20 -5.46
CA TRP A 232 11.40 7.25 -6.92
C TRP A 232 11.55 8.66 -7.46
N ALA A 233 11.32 9.68 -6.63
CA ALA A 233 11.43 11.07 -7.09
C ALA A 233 12.85 11.61 -7.00
N TRP A 234 13.78 10.85 -6.41
CA TRP A 234 15.10 11.40 -6.09
C TRP A 234 15.86 11.80 -7.36
N SER A 235 15.93 10.90 -8.34
CA SER A 235 16.68 11.19 -9.57
C SER A 235 16.15 12.43 -10.27
N ASN A 236 14.84 12.69 -10.21
CA ASN A 236 14.34 13.93 -10.79
C ASN A 236 14.86 15.14 -10.02
N ILE A 237 15.02 15.03 -8.72
CA ILE A 237 15.59 16.13 -8.00
C ILE A 237 17.03 16.30 -8.43
N ASP A 238 17.72 15.18 -8.62
CA ASP A 238 19.11 15.23 -8.96
C ASP A 238 19.36 15.97 -10.24
N THR A 239 18.60 15.64 -11.24
CA THR A 239 18.74 16.25 -12.52
C THR A 239 18.54 17.74 -12.31
N SER A 240 17.76 18.09 -11.31
CA SER A 240 17.38 19.44 -11.00
C SER A 240 18.38 20.48 -10.62
N LYS A 241 19.48 20.09 -10.04
CA LYS A 241 20.45 21.07 -9.58
C LYS A 241 20.05 21.62 -8.20
N VAL A 242 18.98 21.10 -7.60
CA VAL A 242 18.62 21.51 -6.27
C VAL A 242 19.48 20.91 -5.19
N ASN A 243 19.72 21.69 -4.16
CA ASN A 243 20.52 21.35 -2.97
C ASN A 243 19.61 20.67 -1.93
N TYR A 244 19.29 19.40 -2.16
CA TYR A 244 18.17 18.76 -1.46
C TYR A 244 18.64 17.75 -0.42
N GLY A 245 17.88 17.66 0.69
CA GLY A 245 18.04 16.62 1.67
C GLY A 245 16.75 15.84 1.86
N VAL A 246 16.87 14.74 2.62
CA VAL A 246 15.75 13.84 2.89
C VAL A 246 15.80 13.43 4.36
N THR A 247 14.72 13.65 5.10
CA THR A 247 14.81 13.53 6.56
C THR A 247 13.55 12.90 7.15
N VAL A 248 13.40 13.03 8.47
CA VAL A 248 12.22 12.55 9.19
C VAL A 248 11.03 13.42 8.84
N LEU A 249 9.86 12.80 8.71
CA LEU A 249 8.64 13.55 8.55
C LEU A 249 8.32 14.28 9.86
N PRO A 250 7.80 15.51 9.79
CA PRO A 250 7.47 16.25 11.00
C PRO A 250 6.50 15.45 11.87
N THR A 251 6.50 15.75 13.17
CA THR A 251 5.49 15.22 14.07
C THR A 251 4.25 16.11 14.03
N PHE A 252 3.15 15.57 14.55
CA PHE A 252 1.93 16.32 14.79
C PHE A 252 1.44 15.93 16.16
N LYS A 253 1.03 16.93 16.96
CA LYS A 253 0.67 16.69 18.35
C LYS A 253 1.74 15.85 19.03
N GLY A 254 3.00 16.15 18.69
CA GLY A 254 4.14 15.43 19.21
C GLY A 254 4.28 14.00 18.75
N GLN A 255 3.43 13.53 17.82
CA GLN A 255 3.48 12.13 17.43
C GLN A 255 4.02 12.00 16.02
N PRO A 256 4.81 10.96 15.74
CA PRO A 256 5.37 10.80 14.39
C PRO A 256 4.24 10.66 13.37
N SER A 257 4.46 11.25 12.19
CA SER A 257 3.67 10.91 11.02
C SER A 257 3.83 9.43 10.68
N LYS A 258 2.75 8.81 10.16
CA LYS A 258 2.74 7.38 9.87
C LYS A 258 2.54 7.12 8.39
N PRO A 259 3.60 7.14 7.58
CA PRO A 259 3.44 6.75 6.18
C PRO A 259 3.19 5.25 6.06
N PHE A 260 2.52 4.88 4.97
CA PHE A 260 2.40 3.47 4.63
C PHE A 260 3.72 2.91 4.18
N VAL A 261 3.99 1.64 4.53
CA VAL A 261 5.24 0.95 4.20
C VAL A 261 4.95 -0.17 3.20
N GLY A 262 5.66 -0.14 2.08
CA GLY A 262 5.71 -1.26 1.15
C GLY A 262 7.01 -2.01 1.36
N VAL A 263 6.92 -3.33 1.33
CA VAL A 263 8.02 -4.20 1.75
C VAL A 263 8.27 -5.20 0.62
N LEU A 264 9.35 -5.01 -0.12
CA LEU A 264 9.72 -5.95 -1.19
C LEU A 264 10.11 -7.29 -0.58
N SER A 265 9.40 -8.37 -0.95
CA SER A 265 9.58 -9.66 -0.27
C SER A 265 9.83 -10.78 -1.27
N ALA A 266 10.45 -11.86 -0.76
CA ALA A 266 10.72 -13.08 -1.53
C ALA A 266 9.93 -14.24 -0.94
N GLY A 267 9.00 -14.78 -1.71
CA GLY A 267 8.19 -15.88 -1.25
C GLY A 267 8.56 -17.15 -1.99
N ILE A 268 8.23 -18.31 -1.43
CA ILE A 268 8.58 -19.59 -2.02
C ILE A 268 7.30 -20.28 -2.49
N ASN A 269 7.29 -20.67 -3.77
CA ASN A 269 6.18 -21.42 -4.39
C ASN A 269 5.81 -22.64 -3.56
N ALA A 270 4.56 -22.69 -3.10
CA ALA A 270 4.13 -23.84 -2.32
C ALA A 270 4.27 -25.14 -3.10
N ALA A 271 4.26 -25.06 -4.43
CA ALA A 271 4.42 -26.23 -5.28
C ALA A 271 5.87 -26.60 -5.52
N SER A 272 6.84 -25.83 -4.97
CA SER A 272 8.22 -26.15 -5.26
C SER A 272 8.68 -27.33 -4.41
N PRO A 273 9.34 -28.33 -5.02
CA PRO A 273 10.03 -29.35 -4.21
C PRO A 273 11.34 -28.86 -3.61
N ASN A 274 11.80 -27.68 -4.01
CA ASN A 274 13.12 -27.20 -3.62
C ASN A 274 13.04 -26.19 -2.48
N LYS A 275 12.22 -26.48 -1.46
CA LYS A 275 11.96 -25.51 -0.40
C LYS A 275 13.21 -25.22 0.42
N GLU A 276 13.94 -26.26 0.79
CA GLU A 276 15.10 -26.02 1.63
C GLU A 276 16.27 -25.46 0.83
N LEU A 277 16.35 -25.79 -0.46
CA LEU A 277 17.33 -25.11 -1.31
C LEU A 277 17.06 -23.61 -1.33
N ALA A 278 15.78 -23.22 -1.39
CA ALA A 278 15.42 -21.81 -1.52
C ALA A 278 15.66 -21.05 -0.21
N LYS A 279 15.30 -21.67 0.91
CA LYS A 279 15.56 -21.07 2.22
C LYS A 279 17.06 -20.85 2.40
N GLU A 280 17.84 -21.90 2.15
CA GLU A 280 19.30 -21.78 2.20
C GLU A 280 19.79 -20.64 1.33
N PHE A 281 19.27 -20.55 0.10
CA PHE A 281 19.71 -19.46 -0.77
C PHE A 281 19.23 -18.11 -0.25
N LEU A 282 18.03 -18.04 0.33
CA LEU A 282 17.49 -16.74 0.74
C LEU A 282 18.08 -16.27 2.06
N GLU A 283 18.19 -17.15 3.05
CA GLU A 283 18.80 -16.78 4.33
C GLU A 283 20.32 -16.67 4.20
N ASN A 284 20.96 -17.67 3.59
CA ASN A 284 22.41 -17.77 3.70
C ASN A 284 23.17 -17.20 2.51
N TYR A 285 22.50 -16.59 1.54
CA TYR A 285 23.24 -16.09 0.39
C TYR A 285 22.73 -14.73 -0.04
N LEU A 286 21.41 -14.60 -0.16
CA LEU A 286 20.83 -13.32 -0.54
C LEU A 286 20.79 -12.37 0.64
N LEU A 287 20.20 -12.79 1.75
CA LEU A 287 20.00 -11.89 2.89
C LEU A 287 21.24 -11.78 3.75
N THR A 288 22.36 -11.46 3.10
CA THR A 288 23.61 -11.16 3.76
C THR A 288 24.14 -9.85 3.17
N ASP A 289 25.11 -9.25 3.88
CA ASP A 289 25.79 -8.08 3.35
C ASP A 289 26.28 -8.31 1.92
N GLU A 290 26.90 -9.47 1.65
CA GLU A 290 27.43 -9.75 0.33
C GLU A 290 26.29 -9.90 -0.70
N GLY A 291 25.33 -10.76 -0.42
CA GLY A 291 24.20 -10.92 -1.32
C GLY A 291 23.53 -9.60 -1.65
N LEU A 292 23.19 -8.82 -0.62
CA LEU A 292 22.42 -7.60 -0.84
C LEU A 292 23.24 -6.54 -1.58
N GLU A 293 24.53 -6.43 -1.29
CA GLU A 293 25.36 -5.43 -1.97
C GLU A 293 25.43 -5.72 -3.47
N ALA A 294 25.57 -6.98 -3.84
CA ALA A 294 25.57 -7.35 -5.25
C ALA A 294 24.32 -6.82 -5.94
N VAL A 295 23.15 -7.11 -5.37
CA VAL A 295 21.89 -6.63 -5.93
C VAL A 295 21.82 -5.11 -5.88
N ASN A 296 22.23 -4.51 -4.76
CA ASN A 296 22.15 -3.06 -4.60
C ASN A 296 23.06 -2.32 -5.59
N LYS A 297 24.23 -2.88 -5.91
CA LYS A 297 25.09 -2.27 -6.93
C LYS A 297 24.59 -2.52 -8.36
N ASP A 298 23.62 -3.42 -8.55
CA ASP A 298 22.94 -3.52 -9.84
C ASP A 298 21.88 -2.43 -9.99
N LYS A 299 20.95 -2.36 -9.05
CA LYS A 299 19.95 -1.30 -9.00
C LYS A 299 19.72 -1.13 -7.52
N PRO A 300 19.68 0.10 -7.01
CA PRO A 300 19.57 0.27 -5.56
C PRO A 300 18.26 -0.29 -5.03
N LEU A 301 18.35 -0.97 -3.89
CA LEU A 301 17.21 -1.52 -3.17
C LEU A 301 16.56 -0.52 -2.22
N GLY A 302 17.31 0.46 -1.75
CA GLY A 302 16.79 1.46 -0.83
C GLY A 302 17.17 1.13 0.61
N ALA A 303 16.17 1.13 1.48
CA ALA A 303 16.37 0.73 2.86
C ALA A 303 16.06 -0.76 2.98
N VAL A 304 17.06 -1.54 3.38
CA VAL A 304 16.93 -2.99 3.36
C VAL A 304 16.56 -3.49 4.76
N ALA A 305 16.00 -4.69 4.81
CA ALA A 305 15.51 -5.23 6.07
C ALA A 305 16.61 -5.86 6.92
N LEU A 306 17.71 -6.29 6.32
CA LEU A 306 18.81 -6.86 7.09
C LEU A 306 19.50 -5.77 7.90
N LYS A 307 19.45 -5.89 9.24
CA LYS A 307 20.00 -4.87 10.13
C LYS A 307 21.45 -4.52 9.79
N SER A 308 22.33 -5.52 9.69
CA SER A 308 23.75 -5.24 9.52
C SER A 308 24.01 -4.44 8.24
N TYR A 309 23.39 -4.84 7.14
CA TYR A 309 23.66 -4.16 5.89
C TYR A 309 22.92 -2.84 5.77
N GLU A 310 21.81 -2.68 6.49
CA GLU A 310 21.12 -1.38 6.53
C GLU A 310 21.97 -0.34 7.25
N GLU A 311 22.57 -0.69 8.40
CA GLU A 311 23.48 0.23 9.10
C GLU A 311 24.59 0.74 8.19
N GLU A 312 25.07 -0.08 7.27
CA GLU A 312 26.04 0.41 6.28
C GLU A 312 25.39 1.45 5.36
N LEU A 313 24.34 1.05 4.65
CA LEU A 313 23.81 1.95 3.64
C LEU A 313 23.07 3.13 4.28
N ALA A 314 22.62 2.97 5.52
CA ALA A 314 22.03 4.11 6.24
C ALA A 314 23.05 5.20 6.54
N LYS A 315 24.30 5.06 6.09
CA LYS A 315 25.23 6.19 6.15
C LYS A 315 24.76 7.29 5.23
N ASP A 316 24.23 6.92 4.08
CA ASP A 316 23.46 7.83 3.25
C ASP A 316 22.29 8.31 4.09
N PRO A 317 22.24 9.61 4.47
CA PRO A 317 21.18 10.07 5.37
C PRO A 317 19.78 10.07 4.72
N ARG A 318 19.71 10.14 3.38
CA ARG A 318 18.44 9.91 2.69
C ARG A 318 17.87 8.54 3.04
N ILE A 319 18.71 7.51 2.92
CA ILE A 319 18.29 6.14 3.20
C ILE A 319 17.97 5.95 4.68
N ALA A 320 18.74 6.57 5.55
CA ALA A 320 18.38 6.59 6.98
C ALA A 320 16.98 7.19 7.17
N ALA A 321 16.63 8.19 6.36
CA ALA A 321 15.31 8.80 6.48
C ALA A 321 14.22 7.79 6.12
N THR A 322 14.35 7.16 4.96
CA THR A 322 13.40 6.12 4.54
C THR A 322 13.11 5.13 5.65
N MET A 323 14.15 4.45 6.15
CA MET A 323 13.94 3.45 7.19
C MET A 323 13.29 4.04 8.43
N GLU A 324 13.69 5.26 8.82
CA GLU A 324 13.15 5.85 10.04
C GLU A 324 11.65 6.11 9.91
N ASN A 325 11.24 6.80 8.84
CA ASN A 325 9.81 7.02 8.60
C ASN A 325 9.07 5.69 8.46
N ALA A 326 9.71 4.68 7.83
CA ALA A 326 9.07 3.36 7.72
C ALA A 326 8.87 2.72 9.10
N GLN A 327 9.87 2.81 9.97
CA GLN A 327 9.71 2.23 11.31
C GLN A 327 8.60 2.92 12.08
N LYS A 328 8.45 4.22 11.89
CA LYS A 328 7.42 4.99 12.57
C LYS A 328 6.05 4.89 11.88
N GLY A 329 5.96 4.23 10.73
CA GLY A 329 4.75 4.21 9.93
C GLY A 329 3.85 3.02 10.21
N GLU A 330 3.01 2.69 9.22
CA GLU A 330 2.14 1.52 9.29
C GLU A 330 2.31 0.66 8.03
N ILE A 331 2.44 -0.65 8.23
CA ILE A 331 2.52 -1.59 7.11
C ILE A 331 1.29 -1.47 6.23
N MET A 332 1.50 -1.39 4.93
CA MET A 332 0.39 -1.50 3.98
C MET A 332 -0.38 -2.79 4.21
N PRO A 333 -1.69 -2.74 4.46
CA PRO A 333 -2.46 -3.99 4.57
C PRO A 333 -2.48 -4.71 3.22
N ASN A 334 -2.22 -6.02 3.26
CA ASN A 334 -2.15 -6.86 2.08
C ASN A 334 -3.48 -7.48 1.68
N ILE A 335 -4.61 -6.88 2.05
CA ILE A 335 -5.92 -7.47 1.73
C ILE A 335 -6.60 -6.72 0.59
N PRO A 336 -7.65 -7.27 -0.02
CA PRO A 336 -8.31 -6.54 -1.13
C PRO A 336 -9.12 -5.33 -0.68
N GLN A 337 -9.58 -5.30 0.57
CA GLN A 337 -10.45 -4.20 0.99
C GLN A 337 -9.72 -2.87 1.08
N MET A 338 -8.39 -2.84 0.88
CA MET A 338 -7.67 -1.57 0.85
C MET A 338 -8.17 -0.64 -0.25
N SER A 339 -8.50 -1.20 -1.42
CA SER A 339 -9.07 -0.37 -2.48
C SER A 339 -10.35 0.32 -2.01
N ALA A 340 -11.06 -0.28 -1.05
CA ALA A 340 -12.21 0.40 -0.44
C ALA A 340 -11.74 1.52 0.48
N PHE A 341 -10.64 1.29 1.21
CA PHE A 341 -10.08 2.35 2.05
C PHE A 341 -9.61 3.52 1.18
N TRP A 342 -8.90 3.22 0.10
CA TRP A 342 -8.34 4.27 -0.74
C TRP A 342 -9.45 5.13 -1.31
N TYR A 343 -10.48 4.49 -1.84
CA TYR A 343 -11.61 5.23 -2.40
C TYR A 343 -12.23 6.13 -1.35
N ALA A 344 -12.60 5.55 -0.20
CA ALA A 344 -13.17 6.32 0.89
C ALA A 344 -12.25 7.48 1.32
N VAL A 345 -10.94 7.23 1.41
CA VAL A 345 -10.09 8.31 1.93
C VAL A 345 -9.85 9.36 0.86
N ARG A 346 -9.70 8.95 -0.42
CA ARG A 346 -9.53 9.93 -1.47
C ARG A 346 -10.65 10.97 -1.45
N THR A 347 -11.91 10.50 -1.52
CA THR A 347 -13.06 11.40 -1.50
C THR A 347 -13.11 12.25 -0.24
N ALA A 348 -12.91 11.62 0.93
CA ALA A 348 -13.00 12.35 2.18
C ALA A 348 -12.05 13.54 2.24
N VAL A 349 -10.82 13.38 1.72
CA VAL A 349 -9.82 14.45 1.79
C VAL A 349 -10.06 15.51 0.73
N ILE A 350 -10.43 15.09 -0.48
CA ILE A 350 -10.84 16.04 -1.51
C ILE A 350 -11.99 16.92 -1.01
N ASN A 351 -12.97 16.33 -0.32
CA ASN A 351 -14.14 17.10 0.07
C ASN A 351 -13.85 18.01 1.26
N ALA A 352 -12.98 17.56 2.18
CA ALA A 352 -12.64 18.38 3.34
C ALA A 352 -11.76 19.56 2.92
N ALA A 353 -10.76 19.30 2.07
CA ALA A 353 -9.86 20.37 1.65
C ALA A 353 -10.61 21.48 0.93
N SER A 354 -11.64 21.12 0.17
CA SER A 354 -12.39 22.10 -0.60
C SER A 354 -13.38 22.89 0.24
N GLY A 355 -13.60 22.52 1.50
CA GLY A 355 -14.66 23.09 2.29
C GLY A 355 -16.03 22.56 1.95
N ARG A 356 -16.12 21.58 1.04
CA ARG A 356 -17.42 21.00 0.70
C ARG A 356 -18.05 20.34 1.90
N GLN A 357 -17.23 19.70 2.73
CA GLN A 357 -17.68 18.98 3.91
C GLN A 357 -16.85 19.46 5.08
N THR A 358 -17.47 19.50 6.27
CA THR A 358 -16.67 19.64 7.48
C THR A 358 -15.73 18.43 7.59
N VAL A 359 -14.69 18.57 8.41
CA VAL A 359 -13.84 17.41 8.65
C VAL A 359 -14.66 16.28 9.27
N ASP A 360 -15.58 16.61 10.18
CA ASP A 360 -16.44 15.61 10.80
C ASP A 360 -17.27 14.84 9.77
N GLU A 361 -18.06 15.55 8.97
CA GLU A 361 -18.97 14.87 8.06
C GLU A 361 -18.21 14.17 6.95
N ALA A 362 -17.02 14.68 6.59
CA ALA A 362 -16.20 14.02 5.58
C ALA A 362 -15.73 12.65 6.03
N LEU A 363 -15.34 12.53 7.31
CA LEU A 363 -14.75 11.30 7.83
C LEU A 363 -15.80 10.28 8.24
N LYS A 364 -16.99 10.74 8.62
CA LYS A 364 -18.10 9.81 8.83
C LYS A 364 -18.60 9.25 7.50
N ASP A 365 -18.63 10.08 6.46
CA ASP A 365 -18.86 9.57 5.11
C ASP A 365 -17.80 8.54 4.73
N ALA A 366 -16.53 8.78 5.12
CA ALA A 366 -15.47 7.88 4.68
C ALA A 366 -15.70 6.47 5.22
N GLN A 367 -16.12 6.38 6.48
CA GLN A 367 -16.58 5.10 7.03
C GLN A 367 -17.72 4.51 6.20
N THR A 368 -18.68 5.36 5.80
CA THR A 368 -19.84 4.88 5.04
C THR A 368 -19.45 4.45 3.63
N ASN A 369 -18.56 5.21 3.00
CA ASN A 369 -18.16 4.88 1.63
C ASN A 369 -17.25 3.67 1.57
N ALA A 370 -16.41 3.48 2.59
CA ALA A 370 -15.62 2.26 2.68
C ALA A 370 -16.52 1.03 2.71
N ALA A 371 -17.57 1.08 3.54
CA ALA A 371 -18.45 -0.07 3.65
C ALA A 371 -19.23 -0.29 2.35
N ALA A 372 -19.66 0.81 1.73
CA ALA A 372 -20.36 0.76 0.45
C ALA A 372 -19.52 0.12 -0.66
N HIS A 373 -18.28 0.55 -0.77
CA HIS A 373 -17.38 0.03 -1.76
C HIS A 373 -17.12 -1.48 -1.57
N MET A 374 -17.09 -1.96 -0.34
CA MET A 374 -16.88 -3.36 -0.07
C MET A 374 -18.10 -4.20 -0.39
N LEU A 375 -19.30 -3.68 -0.20
CA LEU A 375 -20.51 -4.42 -0.53
C LEU A 375 -20.57 -4.52 -2.01
N GLU A 376 -20.31 -3.42 -2.69
CA GLU A 376 -20.23 -3.44 -4.16
C GLU A 376 -19.40 -4.62 -4.65
N SER A 377 -18.14 -4.74 -4.19
CA SER A 377 -17.29 -5.88 -4.55
C SER A 377 -17.94 -7.22 -4.20
N LYS A 378 -18.48 -7.33 -2.97
CA LYS A 378 -19.19 -8.55 -2.58
C LYS A 378 -20.39 -8.83 -3.51
N LEU A 379 -21.14 -7.80 -3.87
CA LEU A 379 -22.31 -7.99 -4.73
C LEU A 379 -21.91 -8.34 -6.16
N ILE A 380 -20.83 -7.75 -6.68
CA ILE A 380 -20.39 -8.08 -8.03
C ILE A 380 -19.97 -9.54 -8.10
N GLN A 381 -19.13 -9.96 -7.15
CA GLN A 381 -18.70 -11.35 -7.06
C GLN A 381 -19.87 -12.31 -6.87
N HIS A 382 -20.88 -11.90 -6.11
CA HIS A 382 -22.04 -12.76 -5.93
C HIS A 382 -22.77 -12.97 -7.26
N ILE A 383 -23.03 -11.87 -7.97
CA ILE A 383 -23.72 -11.96 -9.25
C ILE A 383 -22.90 -12.76 -10.25
N ALA A 384 -21.58 -12.53 -10.28
CA ALA A 384 -20.71 -13.24 -11.21
C ALA A 384 -20.74 -14.74 -10.97
N THR A 385 -20.60 -15.16 -9.70
CA THR A 385 -20.59 -16.58 -9.39
C THR A 385 -21.95 -17.22 -9.65
N GLN A 386 -23.04 -16.50 -9.35
CA GLN A 386 -24.37 -17.10 -9.22
C GLN A 386 -25.19 -17.04 -10.50
N TYR A 387 -25.11 -15.96 -11.27
CA TYR A 387 -25.88 -15.86 -12.50
C TYR A 387 -25.04 -15.79 -13.76
N LEU A 388 -23.73 -15.64 -13.66
CA LEU A 388 -22.88 -15.46 -14.83
C LEU A 388 -21.80 -16.53 -14.91
N ASP A 389 -22.09 -17.69 -14.37
CA ASP A 389 -21.21 -18.83 -14.42
C ASP A 389 -19.79 -18.47 -14.01
N GLY A 390 -19.65 -17.52 -13.11
CA GLY A 390 -18.36 -17.08 -12.66
C GLY A 390 -17.61 -16.09 -13.53
N ASP A 391 -18.24 -15.43 -14.49
CA ASP A 391 -17.50 -14.49 -15.33
C ASP A 391 -17.49 -13.01 -14.91
N HIS A 392 -16.37 -12.62 -14.35
CA HIS A 392 -16.15 -11.27 -13.94
C HIS A 392 -15.70 -10.65 -15.26
N ASP A 393 -16.63 -10.45 -16.18
CA ASP A 393 -16.24 -9.84 -17.44
C ASP A 393 -16.91 -8.52 -17.71
N GLY A 394 -16.22 -7.45 -17.37
CA GLY A 394 -16.82 -6.15 -17.60
C GLY A 394 -17.93 -5.79 -16.64
N LEU A 395 -18.42 -6.78 -15.89
CA LEU A 395 -19.44 -6.55 -14.88
C LEU A 395 -18.89 -5.63 -13.80
N ASN A 396 -19.36 -4.38 -13.75
CA ASN A 396 -18.94 -3.40 -12.74
C ASN A 396 -20.17 -2.86 -12.01
N ALA A 397 -19.93 -1.93 -11.08
CA ALA A 397 -20.99 -1.34 -10.28
C ALA A 397 -22.03 -0.59 -11.12
N GLN A 398 -21.66 -0.15 -12.31
CA GLN A 398 -22.53 0.67 -13.13
C GLN A 398 -23.23 -0.13 -14.23
N THR A 399 -23.06 -1.44 -14.23
CA THR A 399 -23.60 -2.29 -15.28
C THR A 399 -25.10 -2.47 -15.10
N PRO A 400 -25.90 -2.22 -16.13
CA PRO A 400 -27.36 -2.45 -16.02
C PRO A 400 -27.69 -3.92 -15.81
N LEU A 401 -28.29 -4.23 -14.67
CA LEU A 401 -28.63 -5.62 -14.38
C LEU A 401 -29.83 -6.09 -15.19
N PHE A 402 -30.86 -5.25 -15.31
CA PHE A 402 -32.04 -5.66 -16.09
C PHE A 402 -31.69 -5.97 -17.54
N GLU A 403 -30.57 -5.47 -18.04
CA GLU A 403 -30.06 -5.92 -19.34
C GLU A 403 -29.46 -7.32 -19.21
N LEU A 404 -28.56 -7.50 -18.27
CA LEU A 404 -27.89 -8.77 -18.11
C LEU A 404 -28.87 -9.84 -17.77
N ASN A 405 -28.52 -11.08 -18.03
CA ASN A 405 -29.43 -12.17 -17.70
C ASN A 405 -29.35 -12.61 -16.24
N VAL A 406 -29.73 -11.67 -15.39
CA VAL A 406 -29.70 -11.88 -13.97
C VAL A 406 -31.03 -11.84 -13.23
N VAL A 407 -31.83 -10.81 -13.45
CA VAL A 407 -33.07 -10.68 -12.69
C VAL A 407 -34.31 -11.40 -13.23
N ASP A 408 -34.46 -12.62 -12.78
CA ASP A 408 -35.52 -13.54 -13.13
C ASP A 408 -36.70 -13.15 -12.31
N SER A 409 -37.77 -13.86 -12.59
CA SER A 409 -39.03 -13.73 -11.96
C SER A 409 -38.86 -14.03 -10.51
N ALA A 410 -38.06 -15.03 -10.21
CA ALA A 410 -37.85 -15.42 -8.83
C ALA A 410 -36.50 -15.04 -8.24
N SER A 411 -35.54 -14.84 -9.11
CA SER A 411 -34.21 -14.49 -8.70
C SER A 411 -34.14 -13.13 -8.03
N ILE A 412 -35.11 -12.27 -8.28
CA ILE A 412 -35.11 -10.98 -7.68
C ILE A 412 -35.21 -11.14 -6.18
N PHE A 413 -36.00 -12.09 -5.72
CA PHE A 413 -36.12 -12.32 -4.31
C PHE A 413 -34.80 -12.76 -3.69
N ASP A 414 -34.01 -13.51 -4.45
CA ASP A 414 -32.70 -13.95 -3.99
C ASP A 414 -31.73 -12.77 -3.84
N LEU A 415 -31.77 -11.83 -4.77
CA LEU A 415 -30.94 -10.63 -4.67
C LEU A 415 -31.34 -9.77 -3.47
N VAL A 416 -32.64 -9.61 -3.25
CA VAL A 416 -33.11 -8.83 -2.12
C VAL A 416 -32.58 -9.42 -0.83
N ASP A 417 -32.65 -10.74 -0.70
CA ASP A 417 -32.31 -11.35 0.57
C ASP A 417 -30.81 -11.35 0.80
N PHE A 418 -30.02 -11.42 -0.28
CA PHE A 418 -28.58 -11.16 -0.15
C PHE A 418 -28.34 -9.78 0.43
N LEU A 419 -29.01 -8.77 -0.11
CA LEU A 419 -28.86 -7.43 0.46
C LEU A 419 -29.28 -7.40 1.93
N ARG A 420 -30.33 -8.15 2.28
CA ARG A 420 -30.74 -8.23 3.68
C ARG A 420 -29.69 -8.94 4.53
N GLN A 421 -29.19 -10.10 4.08
CA GLN A 421 -28.23 -10.84 4.90
C GLN A 421 -26.97 -10.02 5.17
N GLU A 422 -26.52 -9.24 4.20
CA GLU A 422 -25.21 -8.61 4.28
C GLU A 422 -25.24 -7.23 4.95
N SER A 423 -26.41 -6.60 5.05
CA SER A 423 -26.49 -5.26 5.60
C SER A 423 -27.38 -5.16 6.84
N HIS A 424 -28.03 -6.25 7.24
CA HIS A 424 -28.91 -6.26 8.43
C HIS A 424 -29.88 -5.08 8.41
N VAL A 425 -30.50 -4.84 7.25
CA VAL A 425 -31.60 -3.87 7.17
C VAL A 425 -32.78 -4.51 6.47
N ALA A 426 -33.98 -4.08 6.85
CA ALA A 426 -35.20 -4.62 6.27
C ALA A 426 -35.46 -3.97 4.93
N ILE A 427 -35.88 -4.79 3.96
CA ILE A 427 -36.18 -4.31 2.61
C ILE A 427 -37.62 -4.70 2.31
N GLY A 428 -38.49 -3.71 2.23
CA GLY A 428 -39.89 -3.96 1.97
C GLY A 428 -40.17 -4.16 0.50
N MET A 429 -41.36 -4.71 0.22
CA MET A 429 -41.77 -5.02 -1.15
C MET A 429 -41.75 -3.79 -2.02
N HIS A 430 -42.09 -2.64 -1.46
CA HIS A 430 -42.21 -1.40 -2.22
C HIS A 430 -40.85 -0.86 -2.66
N GLU A 431 -39.76 -1.40 -2.11
CA GLU A 431 -38.42 -1.02 -2.55
C GLU A 431 -37.88 -1.95 -3.62
N ILE A 432 -38.63 -2.99 -3.98
CA ILE A 432 -38.15 -4.00 -4.95
C ILE A 432 -38.64 -3.56 -6.32
N HIS A 433 -37.90 -2.64 -6.92
CA HIS A 433 -38.34 -2.04 -8.17
C HIS A 433 -37.11 -1.69 -8.99
N PRO A 434 -37.27 -1.40 -10.28
CA PRO A 434 -36.09 -1.36 -11.16
C PRO A 434 -35.15 -0.17 -10.95
N ALA A 435 -35.54 0.89 -10.24
CA ALA A 435 -34.59 1.99 -9.98
C ALA A 435 -33.60 1.61 -8.88
N ASN A 436 -34.07 0.86 -7.87
CA ASN A 436 -33.20 0.33 -6.83
C ASN A 436 -32.32 -0.80 -7.35
N PHE A 437 -32.83 -1.62 -8.28
CA PHE A 437 -32.10 -2.78 -8.80
C PHE A 437 -31.64 -2.55 -10.22
N ALA A 438 -31.50 -1.27 -10.59
CA ALA A 438 -30.95 -0.91 -11.88
C ALA A 438 -29.51 -1.37 -12.02
N SER A 439 -28.72 -1.23 -10.95
CA SER A 439 -27.32 -1.64 -10.99
C SER A 439 -26.85 -1.98 -9.60
N VAL A 440 -25.64 -2.56 -9.52
CA VAL A 440 -25.03 -2.78 -8.22
C VAL A 440 -24.93 -1.46 -7.43
N GLN A 441 -24.47 -0.40 -8.10
CA GLN A 441 -24.44 0.92 -7.45
C GLN A 441 -25.79 1.28 -6.84
N ALA A 442 -26.88 1.07 -7.61
CA ALA A 442 -28.22 1.41 -7.13
C ALA A 442 -28.60 0.54 -5.95
N MET A 443 -28.25 -0.75 -6.00
CA MET A 443 -28.54 -1.65 -4.89
C MET A 443 -27.81 -1.24 -3.61
N VAL A 444 -26.57 -0.79 -3.74
CA VAL A 444 -25.85 -0.41 -2.53
C VAL A 444 -26.39 0.90 -2.00
N ALA A 445 -26.73 1.85 -2.90
CA ALA A 445 -27.31 3.12 -2.44
C ALA A 445 -28.60 2.90 -1.65
N LEU A 446 -29.38 1.89 -2.03
CA LEU A 446 -30.63 1.56 -1.35
C LEU A 446 -30.34 1.13 0.08
N VAL A 447 -29.40 0.20 0.22
CA VAL A 447 -29.02 -0.31 1.53
C VAL A 447 -28.54 0.82 2.44
N GLN A 448 -27.78 1.76 1.89
CA GLN A 448 -27.27 2.84 2.73
C GLN A 448 -28.32 3.89 3.01
N ARG A 449 -29.28 4.07 2.09
CA ARG A 449 -30.39 4.97 2.38
C ARG A 449 -31.27 4.40 3.47
N LEU A 450 -31.46 3.09 3.46
CA LEU A 450 -32.29 2.45 4.48
C LEU A 450 -31.60 2.55 5.84
N GLN A 451 -30.30 2.23 5.90
CA GLN A 451 -29.55 2.38 7.14
C GLN A 451 -29.60 3.82 7.65
N ALA A 452 -29.44 4.78 6.74
CA ALA A 452 -29.56 6.18 7.13
C ALA A 452 -30.96 6.50 7.65
N GLN A 453 -32.00 5.93 7.01
CA GLN A 453 -33.37 6.16 7.47
C GLN A 453 -33.57 5.64 8.89
N VAL A 454 -33.06 4.45 9.17
CA VAL A 454 -33.28 3.81 10.48
C VAL A 454 -32.54 4.56 11.58
N ALA A 455 -31.35 5.05 11.29
CA ALA A 455 -30.58 5.79 12.29
C ALA A 455 -31.06 7.23 12.41
MG MG B . 19.90 -20.01 12.54
#